data_8CS2
#
_entry.id   8CS2
#
_cell.length_a   123.973
_cell.length_b   123.973
_cell.length_c   64.153
_cell.angle_alpha   90.000
_cell.angle_beta   90.000
_cell.angle_gamma   120.000
#
_symmetry.space_group_name_H-M   'P 63'
#
loop_
_entity.id
_entity.type
_entity.pdbx_description
1 polymer "DNA (5'-D(*(1AP)P*GP*GP*CP*AP*GP*CP*CP*TP*GP*TP*AP*CP*GP*GP*AP*CP*AP*TP*CP*A)-3')"
2 polymer "DNA (5'-D(P*CP*CP*GP*TP*AP*CP*A)-3')"
3 polymer "DNA (5'-D(P*GP*GP*CP*TP*GP*C)-3')"
4 polymer "DNA (5'-D(*TP*CP*TP*GP*AP*TP*GP*T)-3')"
#
loop_
_entity_poly.entity_id
_entity_poly.type
_entity_poly.pdbx_seq_one_letter_code
_entity_poly.pdbx_strand_id
1 'polydeoxyribonucleotide'
;(1AP)(DG)(DG)(DC)(DA)(DG)(DC)(DC)(DT)(DG)(DT)(DA)(DC)(DG)(DG)(DA)(DC)(DA)(DT)
(DC)(DA)
;
A
2 'polydeoxyribonucleotide' (DC)(DC)(DG)(DT)(DA)(DC)(DA) B
3 'polydeoxyribonucleotide' (DG)(DG)(DC)(DT)(DG)(DC) C
4 'polydeoxyribonucleotide' (DT)(DC)(DT)(DG)(DA)(DT)(DG)(DT) D
#
loop_
_chem_comp.id
_chem_comp.type
_chem_comp.name
_chem_comp.formula
1AP DNA linking '2,6-DIAMINOPURINE NUCLEOTIDE' 'C10 H15 N6 O6 P'
DA DNA linking 2'-DEOXYADENOSINE-5'-MONOPHOSPHATE 'C10 H14 N5 O6 P'
DC DNA linking 2'-DEOXYCYTIDINE-5'-MONOPHOSPHATE 'C9 H14 N3 O7 P'
DG DNA linking 2'-DEOXYGUANOSINE-5'-MONOPHOSPHATE 'C10 H14 N5 O7 P'
DT DNA linking THYMIDINE-5'-MONOPHOSPHATE 'C10 H15 N2 O8 P'
#
# COMPACT_ATOMS: atom_id res chain seq x y z
N1 1AP A 1 -3.47 -0.56 0.49
C2 1AP A 1 -2.65 -1.54 0.04
C4 1AP A 1 -0.84 -0.30 0.70
C5 1AP A 1 -1.63 0.70 1.16
C6 1AP A 1 -2.98 0.56 1.05
C8 1AP A 1 0.44 1.32 1.49
N2 1AP A 1 -3.70 -2.45 -0.44
N3 1AP A 1 -1.31 -1.41 0.14
N9 1AP A 1 0.43 0.09 0.91
N7 1AP A 1 -0.84 1.69 1.65
N6 1AP A 1 -3.97 1.55 1.50
O5' 1AP A 1 2.67 2.47 -2.52
C5' 1AP A 1 2.47 1.04 -2.62
C4' 1AP A 1 2.91 0.25 -1.34
O4' 1AP A 1 2.33 0.95 0.01
C1' 1AP A 1 1.93 0.03 0.86
C2' 1AP A 1 2.36 -1.31 0.23
C3' 1AP A 1 2.49 -1.01 -1.28
O3' 1AP A 1 3.37 -2.05 -2.02
#